data_3OLG
#
_entry.id   3OLG
#
_cell.length_a   52.379
_cell.length_b   74.529
_cell.length_c   135.743
_cell.angle_alpha   90.00
_cell.angle_beta   90.00
_cell.angle_gamma   90.00
#
_symmetry.space_group_name_H-M   'P 21 21 21'
#
loop_
_entity.id
_entity.type
_entity.pdbx_description
1 polymer 'Pancreatic alpha-amylase'
2 branched alpha-D-quinovopyranose-(1-4)-alpha-D-glucopyranose
3 branched alpha-D-quinovopyranose-(1-4)-alpha-D-glucopyranose-(1-4)-beta-D-glucopyranose
4 branched alpha-D-glucopyranose-(1-4)-alpha-D-glucopyranose-(1-4)-alpha-D-glucopyranose-(1-4)-beta-D-glucopyranose
5 branched alpha-D-glucopyranose-(1-4)-alpha-D-glucopyranose-(1-4)-beta-D-glucopyranose
6 non-polymer 'CALCIUM ION'
7 non-polymer 'CHLORIDE ION'
8 non-polymer 'SULFATE ION'
9 non-polymer (1S,2S,3R,6R)-6-amino-4-(hydroxymethyl)cyclohex-4-ene-1,2,3-triol
10 non-polymer 'PYROGLUTAMIC ACID'
11 non-polymer alpha-D-glucopyranose
12 water water
#
_entity_poly.entity_id   1
_entity_poly.type   'polypeptide(L)'
_entity_poly.pdbx_seq_one_letter_code
;QYSPNTQQGRTSIVHLFEWRWVDIALECERYLAPKGFGGVQVSPPNENVAIYNPFRPWWERYQPVSYKLCTRSGNEDEFR
NMVTRCNNVGVRIYVDAVINHMCGNAVSAGTSSTCGSYFNPGSRDFPAVPYSGWDFNDGKCKTGSGDIENYNDATQVRDC
RLTGLLDLALEKDYVRSKIAEYMNHLIDIGVAGFRLDASKHMWPGDIKAILDKLHNLNSNWFPAGSKPFIYQEVIDLGGE
PIKSSDYFGNGRVTEFKYGAKLGTVIRKWNGEKMSYLKNWGEGWGFMPSDRALVFVDNHDNQRGHGAGGASILTFWDARL
YKMAVGFMLAHPYGFTRVMSSYRWPRQFQNGNDVNDWVGPPNNNGVIKEVTINPDTTCGNDWVCEHRWRQIRNMVIFRNV
VDGQPFTNWYDNGSNQVAFGRGNRGFIVFNNDDWSFSLTLQTGLPAGTYCDVISGDKINGNCTGIKIYVSDDGKAHFSIS
NSAEDPFIAIHAESKL
;
_entity_poly.pdbx_strand_id   A
#
# COMPACT_ATOMS: atom_id res chain seq x y z
N TYR A 2 -5.33 -1.72 15.61
CA TYR A 2 -4.24 -0.78 15.19
C TYR A 2 -2.98 -1.61 14.93
N SER A 3 -3.01 -2.85 15.39
CA SER A 3 -1.90 -3.78 15.23
C SER A 3 -1.97 -4.54 13.93
N PRO A 4 -0.83 -4.62 13.22
CA PRO A 4 -0.71 -5.32 11.93
C PRO A 4 -0.94 -6.83 12.08
N ASN A 5 -0.60 -7.37 13.24
CA ASN A 5 -0.71 -8.80 13.51
C ASN A 5 0.32 -9.55 12.67
N THR A 6 1.37 -8.86 12.25
CA THR A 6 2.39 -9.51 11.47
C THR A 6 3.27 -10.27 12.45
N GLN A 7 4.05 -11.20 11.91
CA GLN A 7 4.94 -11.97 12.75
C GLN A 7 5.95 -11.00 13.35
N GLN A 8 6.22 -11.17 14.64
CA GLN A 8 7.17 -10.32 15.37
C GLN A 8 8.45 -10.14 14.57
N GLY A 9 8.79 -8.88 14.29
CA GLY A 9 9.99 -8.60 13.52
C GLY A 9 9.74 -8.24 12.07
N ARG A 10 8.48 -8.32 11.63
CA ARG A 10 8.16 -7.96 10.25
C ARG A 10 7.40 -6.65 10.27
N THR A 11 7.98 -5.66 9.61
CA THR A 11 7.45 -4.30 9.62
C THR A 11 6.82 -3.69 8.38
N SER A 12 6.64 -4.47 7.33
CA SER A 12 6.04 -3.92 6.11
C SER A 12 5.08 -4.88 5.41
N ILE A 13 4.18 -4.32 4.62
CA ILE A 13 3.27 -5.11 3.83
C ILE A 13 3.49 -4.65 2.39
N VAL A 14 3.20 -5.52 1.44
CA VAL A 14 3.38 -5.18 0.04
C VAL A 14 2.05 -5.33 -0.68
N HIS A 15 1.74 -4.38 -1.55
CA HIS A 15 0.51 -4.41 -2.31
C HIS A 15 0.76 -5.13 -3.62
N LEU A 16 0.40 -6.41 -3.69
CA LEU A 16 0.58 -7.17 -4.92
C LEU A 16 -0.64 -6.91 -5.80
N PHE A 17 -0.71 -5.67 -6.28
CA PHE A 17 -1.77 -5.14 -7.12
C PHE A 17 -2.15 -6.00 -8.33
N GLU A 18 -3.35 -6.57 -8.28
CA GLU A 18 -3.90 -7.41 -9.35
C GLU A 18 -3.24 -8.78 -9.54
N TRP A 19 -2.41 -9.20 -8.60
CA TRP A 19 -1.75 -10.51 -8.69
C TRP A 19 -2.79 -11.61 -8.46
N ARG A 20 -2.54 -12.78 -9.03
CA ARG A 20 -3.44 -13.93 -8.85
C ARG A 20 -3.14 -14.62 -7.53
N TRP A 21 -4.16 -15.27 -6.98
CA TRP A 21 -4.00 -15.97 -5.70
C TRP A 21 -2.88 -17.01 -5.79
N VAL A 22 -2.82 -17.78 -6.88
CA VAL A 22 -1.77 -18.79 -6.99
C VAL A 22 -0.38 -18.18 -7.04
N ASP A 23 -0.24 -17.03 -7.70
CA ASP A 23 1.07 -16.39 -7.75
C ASP A 23 1.43 -15.83 -6.37
N ILE A 24 0.46 -15.28 -5.66
CA ILE A 24 0.75 -14.74 -4.33
C ILE A 24 1.15 -15.88 -3.38
N ALA A 25 0.44 -17.00 -3.48
CA ALA A 25 0.74 -18.17 -2.65
C ALA A 25 2.21 -18.56 -2.84
N LEU A 26 2.62 -18.71 -4.09
CA LEU A 26 3.99 -19.05 -4.42
C LEU A 26 4.96 -17.98 -3.91
N GLU A 27 4.63 -16.72 -4.18
CA GLU A 27 5.48 -15.60 -3.76
C GLU A 27 5.74 -15.60 -2.25
N CYS A 28 4.73 -15.93 -1.46
CA CYS A 28 4.89 -15.97 0.00
C CYS A 28 5.97 -16.98 0.38
N GLU A 29 5.87 -18.17 -0.19
CA GLU A 29 6.80 -19.26 0.11
C GLU A 29 8.21 -19.05 -0.44
N ARG A 30 8.31 -18.72 -1.72
CA ARG A 30 9.62 -18.56 -2.34
C ARG A 30 10.30 -17.22 -2.10
N TYR A 31 9.57 -16.22 -1.63
CA TYR A 31 10.18 -14.91 -1.49
C TYR A 31 9.86 -14.03 -0.29
N LEU A 32 8.59 -13.73 -0.08
CA LEU A 32 8.20 -12.85 1.02
C LEU A 32 8.61 -13.32 2.40
N ALA A 33 8.49 -14.62 2.65
CA ALA A 33 8.84 -15.15 3.95
C ALA A 33 10.35 -15.04 4.22
N PRO A 34 11.18 -15.58 3.31
CA PRO A 34 12.62 -15.48 3.57
C PRO A 34 13.19 -14.05 3.52
N LYS A 35 12.51 -13.14 2.84
CA LYS A 35 13.00 -11.76 2.75
C LYS A 35 12.41 -10.87 3.84
N GLY A 36 11.70 -11.50 4.77
CA GLY A 36 11.13 -10.78 5.89
C GLY A 36 9.97 -9.84 5.68
N PHE A 37 9.17 -10.04 4.63
CA PHE A 37 8.01 -9.19 4.41
C PHE A 37 6.93 -9.59 5.44
N GLY A 38 6.22 -8.61 5.96
CA GLY A 38 5.19 -8.89 6.96
C GLY A 38 3.86 -9.36 6.42
N GLY A 39 3.46 -8.88 5.25
CA GLY A 39 2.19 -9.31 4.70
C GLY A 39 1.89 -8.74 3.33
N VAL A 40 0.76 -9.16 2.76
CA VAL A 40 0.36 -8.73 1.44
C VAL A 40 -1.05 -8.17 1.39
N GLN A 41 -1.21 -7.00 0.76
CA GLN A 41 -2.52 -6.40 0.57
C GLN A 41 -2.93 -6.92 -0.79
N VAL A 42 -4.02 -7.68 -0.84
CA VAL A 42 -4.50 -8.23 -2.10
C VAL A 42 -5.59 -7.34 -2.68
N SER A 43 -5.84 -7.48 -3.99
CA SER A 43 -6.88 -6.72 -4.64
C SER A 43 -8.20 -7.31 -4.17
N PRO A 44 -9.32 -6.58 -4.29
CA PRO A 44 -10.62 -7.09 -3.86
C PRO A 44 -10.83 -8.54 -4.28
N PRO A 45 -11.14 -9.43 -3.33
CA PRO A 45 -11.35 -10.84 -3.64
C PRO A 45 -12.81 -11.21 -3.96
N ASN A 46 -13.70 -10.25 -3.82
CA ASN A 46 -15.13 -10.47 -4.07
C ASN A 46 -15.53 -10.22 -5.52
N GLU A 47 -16.54 -10.96 -5.98
CA GLU A 47 -17.02 -10.83 -7.35
C GLU A 47 -17.29 -9.39 -7.74
N ASN A 48 -16.86 -9.02 -8.94
CA ASN A 48 -17.05 -7.67 -9.44
C ASN A 48 -17.58 -7.66 -10.86
N VAL A 49 -17.93 -6.47 -11.33
CA VAL A 49 -18.43 -6.27 -12.67
C VAL A 49 -17.34 -6.52 -13.71
N ALA A 50 -17.69 -7.22 -14.78
CA ALA A 50 -16.74 -7.46 -15.86
C ALA A 50 -17.04 -6.34 -16.82
N ILE A 51 -16.08 -5.42 -16.93
CA ILE A 51 -16.23 -4.25 -17.80
C ILE A 51 -15.53 -4.49 -19.11
N TYR A 52 -16.25 -4.28 -20.20
CA TYR A 52 -15.65 -4.52 -21.49
C TYR A 52 -15.20 -3.34 -22.24
N ASN A 53 -15.56 -2.19 -21.71
CA ASN A 53 -15.17 -0.97 -22.34
C ASN A 53 -14.99 0.14 -21.35
N PRO A 54 -13.74 0.53 -21.11
CA PRO A 54 -12.60 -0.11 -21.78
C PRO A 54 -12.45 -1.59 -21.43
N PHE A 55 -11.52 -2.27 -22.09
CA PHE A 55 -11.33 -3.70 -21.87
C PHE A 55 -10.69 -4.12 -20.54
N ARG A 56 -11.51 -4.65 -19.63
CA ARG A 56 -11.07 -5.14 -18.33
C ARG A 56 -10.14 -4.19 -17.57
N PRO A 57 -10.57 -2.94 -17.35
CA PRO A 57 -9.73 -1.98 -16.63
C PRO A 57 -9.45 -2.47 -15.22
N TRP A 58 -8.39 -1.94 -14.59
CA TRP A 58 -8.10 -2.36 -13.24
C TRP A 58 -9.25 -1.97 -12.31
N TRP A 59 -9.82 -0.79 -12.52
CA TRP A 59 -10.88 -0.33 -11.65
C TRP A 59 -12.22 -1.08 -11.63
N GLU A 60 -12.41 -2.07 -12.50
CA GLU A 60 -13.67 -2.81 -12.49
C GLU A 60 -13.78 -3.57 -11.16
N ARG A 61 -12.64 -3.83 -10.52
CA ARG A 61 -12.63 -4.55 -9.26
C ARG A 61 -13.18 -3.73 -8.10
N TYR A 62 -13.46 -2.45 -8.35
CA TYR A 62 -14.01 -1.59 -7.30
C TYR A 62 -15.51 -1.37 -7.55
N GLN A 63 -16.11 -2.31 -8.29
CA GLN A 63 -17.54 -2.30 -8.57
C GLN A 63 -18.08 -3.69 -8.22
N PRO A 64 -18.36 -3.92 -6.93
CA PRO A 64 -18.87 -5.20 -6.43
C PRO A 64 -20.21 -5.64 -7.03
N VAL A 65 -20.37 -6.94 -7.19
CA VAL A 65 -21.59 -7.51 -7.72
C VAL A 65 -22.15 -8.44 -6.64
N SER A 66 -21.24 -9.06 -5.89
CA SER A 66 -21.60 -9.96 -4.80
C SER A 66 -20.40 -10.16 -3.90
N TYR A 67 -20.56 -10.96 -2.85
CA TYR A 67 -19.45 -11.22 -1.93
C TYR A 67 -18.85 -12.62 -2.12
N LYS A 68 -19.12 -13.22 -3.26
CA LYS A 68 -18.53 -14.53 -3.59
C LYS A 68 -17.05 -14.24 -3.88
N LEU A 69 -16.16 -15.08 -3.38
CA LEU A 69 -14.73 -14.88 -3.58
C LEU A 69 -14.38 -15.47 -4.93
N CYS A 70 -14.79 -14.77 -5.98
CA CYS A 70 -14.60 -15.26 -7.33
C CYS A 70 -14.28 -14.09 -8.28
N THR A 71 -12.99 -13.92 -8.56
CA THR A 71 -12.48 -12.83 -9.40
C THR A 71 -11.44 -13.31 -10.41
N ARG A 72 -10.89 -12.38 -11.18
CA ARG A 72 -9.86 -12.75 -12.16
C ARG A 72 -8.61 -13.26 -11.43
N SER A 73 -8.51 -12.97 -10.14
CA SER A 73 -7.37 -13.44 -9.35
C SER A 73 -7.52 -14.91 -8.96
N GLY A 74 -8.74 -15.43 -9.04
CA GLY A 74 -8.99 -16.81 -8.67
C GLY A 74 -10.30 -17.03 -7.93
N ASN A 75 -10.66 -18.30 -7.71
CA ASN A 75 -11.91 -18.64 -7.02
C ASN A 75 -11.65 -18.76 -5.52
N GLU A 76 -12.67 -19.15 -4.75
CA GLU A 76 -12.51 -19.28 -3.30
C GLU A 76 -11.49 -20.35 -2.91
N ASP A 77 -11.47 -21.47 -3.61
CA ASP A 77 -10.52 -22.52 -3.28
C ASP A 77 -9.09 -21.97 -3.35
N GLU A 78 -8.79 -21.25 -4.42
CA GLU A 78 -7.47 -20.68 -4.59
C GLU A 78 -7.22 -19.60 -3.56
N PHE A 79 -8.26 -18.84 -3.22
CA PHE A 79 -8.10 -17.79 -2.23
C PHE A 79 -7.74 -18.41 -0.88
N ARG A 80 -8.49 -19.42 -0.48
CA ARG A 80 -8.21 -20.09 0.79
C ARG A 80 -6.84 -20.74 0.76
N ASN A 81 -6.48 -21.31 -0.39
CA ASN A 81 -5.18 -21.96 -0.54
C ASN A 81 -4.07 -20.93 -0.29
N MET A 82 -4.20 -19.76 -0.92
CA MET A 82 -3.22 -18.70 -0.78
C MET A 82 -3.07 -18.23 0.68
N VAL A 83 -4.18 -17.92 1.34
CA VAL A 83 -4.14 -17.45 2.72
C VAL A 83 -3.49 -18.47 3.66
N THR A 84 -3.85 -19.73 3.48
CA THR A 84 -3.30 -20.80 4.30
C THR A 84 -1.79 -20.98 4.09
N ARG A 85 -1.38 -21.04 2.82
CA ARG A 85 0.03 -21.21 2.51
C ARG A 85 0.86 -20.01 2.98
N CYS A 86 0.29 -18.80 2.88
CA CYS A 86 1.01 -17.62 3.32
C CYS A 86 1.09 -17.58 4.85
N ASN A 87 -0.01 -17.90 5.53
CA ASN A 87 0.02 -17.90 6.99
C ASN A 87 0.99 -18.97 7.49
N ASN A 88 1.02 -20.11 6.80
CA ASN A 88 1.91 -21.19 7.20
C ASN A 88 3.40 -20.82 7.18
N VAL A 89 3.78 -19.81 6.39
CA VAL A 89 5.18 -19.38 6.36
C VAL A 89 5.34 -18.03 7.03
N GLY A 90 4.32 -17.62 7.78
CA GLY A 90 4.39 -16.36 8.50
C GLY A 90 4.18 -15.07 7.73
N VAL A 91 3.49 -15.13 6.60
CA VAL A 91 3.23 -13.93 5.82
C VAL A 91 1.72 -13.67 5.82
N ARG A 92 1.32 -12.50 6.29
CA ARG A 92 -0.09 -12.15 6.40
C ARG A 92 -0.79 -11.65 5.14
N ILE A 93 -2.11 -11.78 5.13
CA ILE A 93 -2.93 -11.34 4.02
C ILE A 93 -3.92 -10.28 4.49
N TYR A 94 -3.93 -9.13 3.82
CA TYR A 94 -4.84 -8.05 4.15
C TYR A 94 -5.73 -7.84 2.94
N VAL A 95 -7.04 -7.84 3.17
CA VAL A 95 -7.99 -7.69 2.09
C VAL A 95 -8.49 -6.27 1.84
N ASP A 96 -8.50 -5.91 0.57
CA ASP A 96 -8.98 -4.62 0.12
C ASP A 96 -10.50 -4.78 0.14
N ALA A 97 -11.14 -4.30 1.20
CA ALA A 97 -12.59 -4.42 1.34
C ALA A 97 -13.37 -3.26 0.73
N VAL A 98 -14.10 -3.55 -0.33
CA VAL A 98 -14.93 -2.55 -1.01
C VAL A 98 -16.34 -2.78 -0.46
N ILE A 99 -16.68 -2.03 0.59
CA ILE A 99 -17.96 -2.19 1.27
C ILE A 99 -18.83 -0.93 1.25
N ASN A 100 -18.32 0.15 0.69
CA ASN A 100 -19.07 1.38 0.62
C ASN A 100 -20.12 1.36 -0.47
N HIS A 101 -19.90 0.53 -1.48
CA HIS A 101 -20.83 0.51 -2.60
C HIS A 101 -20.85 -0.77 -3.42
N MET A 102 -21.71 -0.76 -4.43
CA MET A 102 -21.80 -1.87 -5.35
C MET A 102 -21.29 -1.31 -6.67
N CYS A 103 -21.96 -1.59 -7.78
CA CYS A 103 -21.46 -1.09 -9.06
C CYS A 103 -21.94 0.28 -9.51
N GLY A 104 -21.46 0.69 -10.68
CA GLY A 104 -21.87 1.96 -11.25
C GLY A 104 -23.36 1.86 -11.51
N ASN A 105 -24.11 2.92 -11.19
CA ASN A 105 -25.55 2.89 -11.37
C ASN A 105 -25.99 2.81 -12.83
N ALA A 106 -25.08 3.09 -13.76
CA ALA A 106 -25.41 3.07 -15.19
C ALA A 106 -24.93 1.82 -15.91
N VAL A 107 -24.26 0.92 -15.21
CA VAL A 107 -23.79 -0.32 -15.82
C VAL A 107 -25.00 -1.14 -16.25
N SER A 108 -24.91 -1.81 -17.40
CA SER A 108 -26.01 -2.63 -17.91
C SER A 108 -26.31 -3.82 -17.03
N ALA A 109 -27.58 -4.20 -16.98
CA ALA A 109 -28.01 -5.34 -16.19
C ALA A 109 -27.61 -6.60 -16.96
N GLY A 110 -27.47 -7.71 -16.25
CA GLY A 110 -27.09 -8.95 -16.90
C GLY A 110 -26.16 -9.76 -16.03
N THR A 111 -25.34 -10.61 -16.66
CA THR A 111 -24.41 -11.45 -15.93
C THR A 111 -22.95 -11.16 -16.28
N SER A 112 -22.67 -9.92 -16.68
CA SER A 112 -21.31 -9.54 -17.01
C SER A 112 -20.56 -9.26 -15.70
N SER A 113 -20.32 -10.32 -14.95
CA SER A 113 -19.64 -10.27 -13.66
C SER A 113 -18.59 -11.38 -13.61
N THR A 114 -17.59 -11.24 -12.74
CA THR A 114 -16.52 -12.23 -12.66
C THR A 114 -16.92 -13.64 -12.25
N CYS A 115 -18.15 -13.82 -11.77
CA CYS A 115 -18.59 -15.17 -11.40
C CYS A 115 -19.91 -15.50 -12.07
N GLY A 116 -20.34 -14.62 -12.98
CA GLY A 116 -21.58 -14.84 -13.69
C GLY A 116 -22.84 -14.54 -12.89
N SER A 117 -22.71 -13.94 -11.72
CA SER A 117 -23.90 -13.61 -10.93
C SER A 117 -24.70 -12.55 -11.67
N TYR A 118 -26.02 -12.59 -11.52
CA TYR A 118 -26.87 -11.61 -12.17
C TYR A 118 -26.98 -10.38 -11.29
N PHE A 119 -27.11 -9.21 -11.91
CA PHE A 119 -27.28 -7.97 -11.15
C PHE A 119 -27.93 -6.94 -12.06
N ASN A 120 -28.73 -6.05 -11.47
CA ASN A 120 -29.42 -5.02 -12.22
C ASN A 120 -29.27 -3.70 -11.48
N PRO A 121 -28.28 -2.89 -11.89
CA PRO A 121 -28.01 -1.58 -11.27
C PRO A 121 -29.22 -0.64 -11.34
N GLY A 122 -29.89 -0.63 -12.50
CA GLY A 122 -31.04 0.22 -12.68
C GLY A 122 -32.14 -0.02 -11.66
N SER A 123 -32.34 -1.28 -11.28
CA SER A 123 -33.36 -1.62 -10.31
C SER A 123 -32.77 -1.86 -8.92
N ARG A 124 -31.49 -1.52 -8.75
CA ARG A 124 -30.79 -1.68 -7.47
C ARG A 124 -30.89 -3.12 -7.03
N ASP A 125 -30.77 -4.02 -8.00
CA ASP A 125 -30.92 -5.44 -7.74
C ASP A 125 -29.63 -6.26 -7.79
N PHE A 126 -29.22 -6.80 -6.64
CA PHE A 126 -28.02 -7.65 -6.56
C PHE A 126 -28.40 -8.88 -5.74
N PRO A 127 -29.20 -9.78 -6.33
CA PRO A 127 -29.68 -11.01 -5.71
C PRO A 127 -28.62 -11.97 -5.17
N ALA A 128 -27.38 -11.86 -5.65
CA ALA A 128 -26.34 -12.77 -5.17
C ALA A 128 -25.88 -12.45 -3.73
N VAL A 129 -26.26 -11.30 -3.21
CA VAL A 129 -25.86 -10.93 -1.84
C VAL A 129 -26.82 -11.46 -0.76
N PRO A 130 -28.12 -11.09 -0.81
CA PRO A 130 -28.81 -10.20 -1.76
C PRO A 130 -29.08 -8.79 -1.22
N TYR A 131 -29.12 -7.83 -2.14
CA TYR A 131 -29.43 -6.43 -1.84
C TYR A 131 -30.52 -5.98 -2.82
N SER A 132 -31.38 -5.08 -2.37
CA SER A 132 -32.43 -4.56 -3.22
C SER A 132 -32.42 -3.04 -3.06
N GLY A 133 -33.41 -2.38 -3.63
CA GLY A 133 -33.49 -0.93 -3.54
C GLY A 133 -33.38 -0.25 -2.19
N TRP A 134 -34.03 -0.79 -1.17
CA TRP A 134 -33.96 -0.14 0.13
C TRP A 134 -32.66 -0.37 0.89
N ASP A 135 -31.66 -0.93 0.20
CA ASP A 135 -30.37 -1.15 0.82
C ASP A 135 -29.37 -0.11 0.31
N PHE A 136 -29.87 0.88 -0.42
CA PHE A 136 -29.03 1.94 -0.97
C PHE A 136 -29.49 3.32 -0.50
N ASN A 137 -28.62 4.32 -0.63
CA ASN A 137 -28.91 5.69 -0.18
C ASN A 137 -29.63 6.63 -1.15
N ASP A 138 -30.36 6.10 -2.12
CA ASP A 138 -31.07 6.93 -3.08
C ASP A 138 -31.92 8.03 -2.41
N GLY A 139 -32.76 7.62 -1.47
CA GLY A 139 -33.60 8.57 -0.76
C GLY A 139 -32.85 9.47 0.19
N LYS A 140 -31.72 9.00 0.71
CA LYS A 140 -30.93 9.77 1.66
C LYS A 140 -30.09 10.89 1.04
N CYS A 141 -29.53 10.64 -0.13
CA CYS A 141 -28.72 11.64 -0.81
C CYS A 141 -29.59 12.84 -1.18
N LYS A 142 -29.03 14.04 -1.05
CA LYS A 142 -29.75 15.27 -1.34
C LYS A 142 -29.22 16.08 -2.52
N THR A 143 -28.31 15.52 -3.31
CA THR A 143 -27.79 16.28 -4.45
C THR A 143 -28.69 16.14 -5.66
N GLY A 144 -28.61 17.12 -6.54
CA GLY A 144 -29.42 17.07 -7.75
C GLY A 144 -29.09 15.87 -8.62
N SER A 145 -27.81 15.55 -8.72
CA SER A 145 -27.37 14.42 -9.55
C SER A 145 -27.44 13.06 -8.86
N GLY A 146 -27.40 13.05 -7.53
CA GLY A 146 -27.45 11.79 -6.81
C GLY A 146 -26.02 11.34 -6.56
N ASP A 147 -25.08 12.08 -7.14
CA ASP A 147 -23.65 11.79 -7.00
C ASP A 147 -23.00 12.83 -6.09
N ILE A 148 -21.76 12.56 -5.68
CA ILE A 148 -21.03 13.50 -4.85
C ILE A 148 -20.61 14.62 -5.78
N GLU A 149 -20.93 15.85 -5.42
CA GLU A 149 -20.61 17.01 -6.25
C GLU A 149 -19.69 18.01 -5.54
N ASN A 150 -19.71 17.99 -4.21
CA ASN A 150 -18.95 18.94 -3.45
C ASN A 150 -18.34 18.29 -2.20
N TYR A 151 -17.01 18.26 -2.12
CA TYR A 151 -16.32 17.66 -0.97
C TYR A 151 -16.29 18.57 0.25
N ASN A 152 -16.85 19.77 0.12
CA ASN A 152 -16.89 20.70 1.25
C ASN A 152 -18.13 20.42 2.07
N ASP A 153 -18.98 19.53 1.55
CA ASP A 153 -20.20 19.12 2.23
C ASP A 153 -20.00 17.68 2.68
N ALA A 154 -19.56 17.52 3.94
CA ALA A 154 -19.30 16.22 4.52
C ALA A 154 -20.44 15.22 4.40
N THR A 155 -21.68 15.71 4.44
CA THR A 155 -22.84 14.84 4.37
C THR A 155 -23.05 14.14 3.01
N GLN A 156 -22.97 14.90 1.92
CA GLN A 156 -23.15 14.29 0.61
C GLN A 156 -22.00 13.34 0.30
N VAL A 157 -20.82 13.65 0.83
CA VAL A 157 -19.65 12.80 0.62
C VAL A 157 -19.92 11.39 1.15
N ARG A 158 -20.71 11.31 2.22
CA ARG A 158 -21.06 10.03 2.84
C ARG A 158 -22.37 9.42 2.36
N ASP A 159 -23.34 10.25 1.96
CA ASP A 159 -24.62 9.70 1.55
C ASP A 159 -24.92 9.62 0.05
N CYS A 160 -24.07 10.22 -0.76
CA CYS A 160 -24.27 10.21 -2.20
C CYS A 160 -23.29 9.29 -2.93
N ARG A 161 -23.51 9.11 -4.23
CA ARG A 161 -22.67 8.21 -5.01
C ARG A 161 -21.32 8.74 -5.48
N LEU A 162 -20.26 8.07 -5.03
CA LEU A 162 -18.89 8.39 -5.42
C LEU A 162 -18.83 8.01 -6.90
N THR A 163 -18.66 9.02 -7.76
CA THR A 163 -18.64 8.85 -9.21
C THR A 163 -19.69 7.86 -9.72
N GLY A 164 -20.89 7.97 -9.15
CA GLY A 164 -22.01 7.14 -9.55
C GLY A 164 -22.13 5.74 -8.98
N LEU A 165 -21.19 5.35 -8.13
CA LEU A 165 -21.25 4.02 -7.54
C LEU A 165 -22.42 3.92 -6.57
N LEU A 166 -23.28 2.93 -6.80
CA LEU A 166 -24.45 2.73 -5.94
C LEU A 166 -24.01 2.67 -4.49
N ASP A 167 -24.45 3.68 -3.74
CA ASP A 167 -24.10 3.84 -2.35
C ASP A 167 -24.93 3.00 -1.40
N LEU A 168 -24.29 2.10 -0.66
CA LEU A 168 -24.98 1.24 0.29
C LEU A 168 -25.46 2.00 1.52
N ALA A 169 -26.59 1.56 2.09
CA ALA A 169 -27.16 2.17 3.27
C ALA A 169 -26.56 1.49 4.49
N LEU A 170 -25.33 1.90 4.83
CA LEU A 170 -24.57 1.34 5.94
C LEU A 170 -25.16 1.56 7.33
N GLU A 171 -26.24 2.32 7.39
CA GLU A 171 -26.89 2.57 8.67
C GLU A 171 -27.76 1.38 9.05
N LYS A 172 -28.23 0.66 8.03
CA LYS A 172 -29.10 -0.50 8.22
C LYS A 172 -28.36 -1.70 8.80
N ASP A 173 -28.93 -2.31 9.83
CA ASP A 173 -28.30 -3.46 10.44
C ASP A 173 -28.19 -4.61 9.44
N TYR A 174 -29.13 -4.68 8.51
CA TYR A 174 -29.09 -5.74 7.51
C TYR A 174 -27.87 -5.58 6.61
N VAL A 175 -27.64 -4.36 6.11
CA VAL A 175 -26.49 -4.13 5.25
C VAL A 175 -25.21 -4.36 6.04
N ARG A 176 -25.16 -3.83 7.27
CA ARG A 176 -23.99 -4.01 8.11
C ARG A 176 -23.71 -5.50 8.31
N SER A 177 -24.78 -6.28 8.48
CA SER A 177 -24.66 -7.72 8.69
C SER A 177 -24.14 -8.48 7.47
N LYS A 178 -24.64 -8.12 6.29
CA LYS A 178 -24.19 -8.78 5.07
C LYS A 178 -22.71 -8.51 4.87
N ILE A 179 -22.29 -7.28 5.15
CA ILE A 179 -20.89 -6.89 5.01
C ILE A 179 -20.05 -7.65 6.02
N ALA A 180 -20.50 -7.69 7.26
CA ALA A 180 -19.79 -8.40 8.32
C ALA A 180 -19.71 -9.89 8.00
N GLU A 181 -20.76 -10.41 7.38
CA GLU A 181 -20.80 -11.82 7.01
C GLU A 181 -19.64 -12.11 6.05
N TYR A 182 -19.48 -11.22 5.07
CA TYR A 182 -18.42 -11.33 4.08
C TYR A 182 -17.06 -11.25 4.78
N MET A 183 -16.88 -10.22 5.62
CA MET A 183 -15.62 -10.03 6.31
C MET A 183 -15.24 -11.17 7.26
N ASN A 184 -16.22 -11.74 7.95
CA ASN A 184 -15.95 -12.84 8.86
C ASN A 184 -15.55 -14.09 8.10
N HIS A 185 -16.10 -14.22 6.88
CA HIS A 185 -15.79 -15.33 6.00
C HIS A 185 -14.29 -15.24 5.72
N LEU A 186 -13.84 -14.03 5.42
CA LEU A 186 -12.44 -13.77 5.14
C LEU A 186 -11.56 -13.94 6.37
N ILE A 187 -12.07 -13.47 7.52
CA ILE A 187 -11.32 -13.61 8.76
C ILE A 187 -11.15 -15.07 9.13
N ASP A 188 -12.24 -15.83 9.11
CA ASP A 188 -12.14 -17.24 9.45
C ASP A 188 -11.23 -18.01 8.51
N ILE A 189 -11.12 -17.54 7.26
CA ILE A 189 -10.22 -18.18 6.31
C ILE A 189 -8.78 -17.92 6.75
N GLY A 190 -8.56 -16.81 7.45
CA GLY A 190 -7.22 -16.51 7.93
C GLY A 190 -6.66 -15.13 7.66
N VAL A 191 -7.44 -14.23 7.07
CA VAL A 191 -6.90 -12.89 6.80
C VAL A 191 -6.67 -12.13 8.10
N ALA A 192 -5.54 -11.42 8.14
CA ALA A 192 -5.13 -10.66 9.32
C ALA A 192 -5.68 -9.24 9.44
N GLY A 193 -6.29 -8.73 8.37
CA GLY A 193 -6.82 -7.38 8.43
C GLY A 193 -7.43 -6.89 7.13
N PHE A 194 -7.81 -5.62 7.10
CA PHE A 194 -8.44 -5.06 5.91
C PHE A 194 -8.06 -3.63 5.58
N ARG A 195 -8.05 -3.34 4.29
CA ARG A 195 -7.81 -1.97 3.82
C ARG A 195 -9.27 -1.58 3.58
N LEU A 196 -9.80 -0.62 4.32
CA LEU A 196 -11.20 -0.23 4.07
C LEU A 196 -11.25 0.82 2.97
N ASP A 197 -11.65 0.35 1.79
CA ASP A 197 -11.76 1.21 0.62
C ASP A 197 -12.80 2.31 0.82
N ALA A 198 -12.51 3.48 0.24
CA ALA A 198 -13.40 4.64 0.31
C ALA A 198 -13.97 4.95 1.70
N SER A 199 -13.15 4.80 2.74
CA SER A 199 -13.60 5.09 4.09
C SER A 199 -14.13 6.51 4.29
N LYS A 200 -13.59 7.47 3.56
CA LYS A 200 -14.04 8.86 3.70
C LYS A 200 -15.53 8.96 3.35
N HIS A 201 -15.99 8.04 2.50
CA HIS A 201 -17.37 8.06 2.09
C HIS A 201 -18.32 7.33 3.02
N MET A 202 -17.81 6.83 4.15
CA MET A 202 -18.68 6.13 5.08
C MET A 202 -18.62 6.83 6.43
N TRP A 203 -19.76 6.87 7.13
CA TRP A 203 -19.78 7.50 8.45
C TRP A 203 -18.95 6.64 9.37
N PRO A 204 -18.02 7.26 10.10
CA PRO A 204 -17.14 6.56 11.04
C PRO A 204 -17.97 5.67 11.97
N GLY A 205 -19.16 6.15 12.32
CA GLY A 205 -20.05 5.41 13.20
C GLY A 205 -20.64 4.16 12.54
N ASP A 206 -20.75 4.18 11.22
CA ASP A 206 -21.28 3.00 10.53
C ASP A 206 -20.17 1.98 10.40
N ILE A 207 -18.95 2.46 10.17
CA ILE A 207 -17.81 1.58 10.05
C ILE A 207 -17.65 0.88 11.39
N LYS A 208 -17.72 1.66 12.46
CA LYS A 208 -17.58 1.11 13.80
C LYS A 208 -18.61 0.01 14.04
N ALA A 209 -19.85 0.28 13.61
CA ALA A 209 -20.91 -0.68 13.77
C ALA A 209 -20.60 -1.98 13.04
N ILE A 210 -20.02 -1.87 11.85
CA ILE A 210 -19.67 -3.06 11.09
C ILE A 210 -18.56 -3.83 11.79
N LEU A 211 -17.54 -3.13 12.26
CA LEU A 211 -16.44 -3.79 12.94
C LEU A 211 -16.91 -4.46 14.23
N ASP A 212 -17.97 -3.94 14.84
CA ASP A 212 -18.49 -4.53 16.08
C ASP A 212 -18.90 -5.98 15.88
N LYS A 213 -19.29 -6.33 14.65
CA LYS A 213 -19.74 -7.69 14.34
C LYS A 213 -18.63 -8.63 13.91
N LEU A 214 -17.39 -8.14 13.80
CA LEU A 214 -16.32 -8.99 13.35
C LEU A 214 -15.78 -9.96 14.41
N HIS A 215 -15.35 -11.12 13.92
CA HIS A 215 -14.77 -12.17 14.75
C HIS A 215 -13.34 -11.78 15.13
N ASN A 216 -12.74 -12.62 15.96
CA ASN A 216 -11.36 -12.46 16.36
C ASN A 216 -10.65 -13.23 15.26
N LEU A 217 -9.35 -12.99 15.08
CA LEU A 217 -8.61 -13.68 14.05
C LEU A 217 -8.56 -15.18 14.27
N ASN A 218 -8.36 -15.93 13.19
CA ASN A 218 -8.29 -17.37 13.26
C ASN A 218 -7.28 -17.79 14.32
N SER A 219 -7.77 -18.47 15.36
CA SER A 219 -6.93 -18.89 16.47
C SER A 219 -5.86 -19.93 16.17
N ASN A 220 -5.82 -20.47 14.97
CA ASN A 220 -4.78 -21.44 14.61
C ASN A 220 -3.49 -20.70 14.33
N TRP A 221 -3.62 -19.48 13.84
CA TRP A 221 -2.46 -18.66 13.49
C TRP A 221 -2.18 -17.47 14.37
N PHE A 222 -3.23 -16.89 14.94
CA PHE A 222 -3.07 -15.71 15.77
C PHE A 222 -3.46 -15.99 17.19
N PRO A 223 -2.86 -15.26 18.14
CA PRO A 223 -3.18 -15.44 19.56
C PRO A 223 -4.64 -15.10 19.85
N ALA A 224 -5.22 -15.78 20.82
CA ALA A 224 -6.61 -15.57 21.20
C ALA A 224 -6.88 -14.10 21.54
N GLY A 225 -7.96 -13.55 20.97
CA GLY A 225 -8.30 -12.17 21.22
C GLY A 225 -7.73 -11.20 20.20
N SER A 226 -7.10 -11.71 19.15
CA SER A 226 -6.52 -10.85 18.13
C SER A 226 -7.61 -10.12 17.34
N LYS A 227 -7.49 -8.80 17.28
CA LYS A 227 -8.44 -7.97 16.54
C LYS A 227 -7.81 -7.77 15.16
N PRO A 228 -8.63 -7.80 14.09
CA PRO A 228 -8.05 -7.61 12.77
C PRO A 228 -7.49 -6.21 12.56
N PHE A 229 -6.40 -6.13 11.80
CA PHE A 229 -5.76 -4.86 11.50
C PHE A 229 -6.69 -4.08 10.59
N ILE A 230 -6.89 -2.80 10.90
CA ILE A 230 -7.76 -1.97 10.10
C ILE A 230 -7.09 -0.68 9.64
N TYR A 231 -6.95 -0.49 8.33
CA TYR A 231 -6.43 0.78 7.84
C TYR A 231 -7.43 1.29 6.82
N GLN A 232 -7.97 2.47 7.12
CA GLN A 232 -8.99 3.09 6.30
C GLN A 232 -8.43 4.05 5.27
N GLU A 233 -8.91 3.95 4.04
CA GLU A 233 -8.43 4.86 3.01
C GLU A 233 -9.20 6.18 3.09
N VAL A 234 -8.52 7.20 3.59
CA VAL A 234 -9.09 8.52 3.71
C VAL A 234 -8.05 9.49 3.15
N ILE A 235 -8.38 10.13 2.03
CA ILE A 235 -7.48 11.09 1.41
C ILE A 235 -7.72 12.45 2.05
N ASP A 236 -6.84 12.84 2.96
CA ASP A 236 -6.98 14.10 3.68
C ASP A 236 -5.72 14.96 3.61
N LEU A 237 -5.69 15.86 2.66
CA LEU A 237 -4.54 16.74 2.47
C LEU A 237 -4.81 18.11 3.06
N GLY A 238 -5.87 18.20 3.86
CA GLY A 238 -6.26 19.46 4.46
C GLY A 238 -7.22 20.15 3.50
N GLY A 239 -7.91 21.19 3.94
CA GLY A 239 -8.82 21.88 3.05
C GLY A 239 -10.24 21.36 3.00
N GLU A 240 -10.50 20.20 3.61
CA GLU A 240 -11.84 19.65 3.61
C GLU A 240 -12.38 19.46 5.02
N PRO A 241 -13.71 19.37 5.17
CA PRO A 241 -14.31 19.19 6.50
C PRO A 241 -14.03 17.83 7.14
N ILE A 242 -13.90 16.79 6.31
CA ILE A 242 -13.62 15.45 6.84
C ILE A 242 -12.12 15.28 7.09
N LYS A 243 -11.78 14.91 8.31
CA LYS A 243 -10.38 14.73 8.70
C LYS A 243 -10.04 13.27 8.98
N SER A 244 -8.79 12.90 8.74
CA SER A 244 -8.34 11.54 8.98
C SER A 244 -8.61 11.15 10.43
N SER A 245 -8.40 12.07 11.35
CA SER A 245 -8.60 11.80 12.77
C SER A 245 -10.02 11.31 13.08
N ASP A 246 -10.99 11.65 12.23
CA ASP A 246 -12.36 11.20 12.47
C ASP A 246 -12.51 9.68 12.43
N TYR A 247 -11.47 8.97 11.99
CA TYR A 247 -11.52 7.52 11.89
C TYR A 247 -10.60 6.75 12.83
N PHE A 248 -9.87 7.47 13.68
CA PHE A 248 -8.94 6.86 14.62
C PHE A 248 -9.60 5.84 15.53
N GLY A 249 -10.90 6.01 15.76
CA GLY A 249 -11.60 5.08 16.62
C GLY A 249 -11.73 3.70 16.00
N ASN A 250 -11.68 3.63 14.69
CA ASN A 250 -11.83 2.36 13.99
C ASN A 250 -10.54 1.64 13.65
N GLY A 251 -9.43 2.38 13.65
CA GLY A 251 -8.15 1.79 13.33
C GLY A 251 -7.23 2.82 12.70
N ARG A 252 -6.21 2.36 11.99
CA ARG A 252 -5.29 3.28 11.34
C ARG A 252 -5.87 3.94 10.10
N VAL A 253 -5.18 4.97 9.62
CA VAL A 253 -5.63 5.70 8.45
C VAL A 253 -4.50 5.95 7.44
N THR A 254 -4.84 5.88 6.16
CA THR A 254 -3.85 6.12 5.11
C THR A 254 -3.42 7.58 5.21
N GLU A 255 -2.12 7.81 5.29
CA GLU A 255 -1.62 9.18 5.37
C GLU A 255 -1.11 9.60 3.98
N PHE A 256 -2.01 10.16 3.17
CA PHE A 256 -1.67 10.59 1.82
C PHE A 256 -0.76 11.81 1.73
N LYS A 257 -0.59 12.51 2.84
CA LYS A 257 0.29 13.67 2.84
C LYS A 257 1.72 13.19 2.71
N TYR A 258 1.98 12.02 3.25
CA TYR A 258 3.30 11.42 3.24
C TYR A 258 3.96 11.37 1.87
N GLY A 259 3.35 10.64 0.94
CA GLY A 259 3.92 10.51 -0.39
C GLY A 259 3.91 11.80 -1.18
N ALA A 260 2.90 12.63 -0.95
CA ALA A 260 2.79 13.89 -1.67
C ALA A 260 3.98 14.78 -1.30
N LYS A 261 4.32 14.84 -0.01
CA LYS A 261 5.42 15.64 0.48
C LYS A 261 6.76 15.11 0.05
N LEU A 262 6.97 13.83 0.34
CA LEU A 262 8.22 13.17 0.02
C LEU A 262 8.53 13.36 -1.45
N GLY A 263 7.52 13.13 -2.29
CA GLY A 263 7.70 13.28 -3.71
C GLY A 263 8.23 14.64 -4.14
N THR A 264 7.70 15.73 -3.57
CA THR A 264 8.18 17.06 -3.96
C THR A 264 9.55 17.40 -3.37
N VAL A 265 9.88 16.81 -2.21
CA VAL A 265 11.19 17.03 -1.60
C VAL A 265 12.25 16.37 -2.46
N ILE A 266 12.02 15.09 -2.77
CA ILE A 266 12.95 14.32 -3.56
C ILE A 266 13.13 14.86 -4.97
N ARG A 267 12.08 15.44 -5.54
CA ARG A 267 12.17 16.02 -6.88
C ARG A 267 12.78 17.41 -6.73
N LYS A 268 12.93 17.85 -5.49
CA LYS A 268 13.47 19.17 -5.18
C LYS A 268 12.64 20.29 -5.80
N TRP A 269 11.33 20.10 -5.76
CA TRP A 269 10.38 21.07 -6.29
C TRP A 269 9.93 22.03 -5.21
N ASN A 270 9.39 23.16 -5.63
CA ASN A 270 8.86 24.15 -4.71
C ASN A 270 9.85 24.65 -3.67
N GLY A 271 11.12 24.75 -4.05
CA GLY A 271 12.12 25.25 -3.12
C GLY A 271 12.49 24.30 -1.98
N GLU A 272 12.08 23.06 -2.07
CA GLU A 272 12.40 22.12 -1.01
C GLU A 272 13.61 21.27 -1.23
N LYS A 273 14.11 20.74 -0.12
CA LYS A 273 15.29 19.91 -0.13
C LYS A 273 15.24 18.93 1.02
N MET A 274 16.04 17.88 0.89
CA MET A 274 16.09 16.83 1.90
C MET A 274 16.47 17.32 3.29
N SER A 275 17.24 18.39 3.39
CA SER A 275 17.64 18.88 4.72
C SER A 275 16.41 19.22 5.58
N TYR A 276 15.30 19.54 4.93
CA TYR A 276 14.08 19.88 5.65
C TYR A 276 13.47 18.66 6.33
N LEU A 277 13.85 17.47 5.85
CA LEU A 277 13.32 16.22 6.37
C LEU A 277 13.76 15.82 7.78
N LYS A 278 14.56 16.62 8.45
CA LYS A 278 14.99 16.19 9.77
C LYS A 278 13.88 16.11 10.83
N ASN A 279 12.77 16.83 10.62
CA ASN A 279 11.67 16.75 11.57
C ASN A 279 10.49 16.06 10.89
N TRP A 280 10.81 15.18 9.94
CA TRP A 280 9.85 14.40 9.17
C TRP A 280 8.88 13.67 10.11
N GLY A 281 7.61 13.64 9.74
CA GLY A 281 6.61 12.98 10.56
C GLY A 281 5.60 14.01 10.99
N GLU A 282 5.25 13.98 12.27
CA GLU A 282 4.28 14.93 12.81
C GLU A 282 4.80 16.35 12.69
N GLY A 283 6.12 16.50 12.67
CA GLY A 283 6.72 17.83 12.52
C GLY A 283 6.25 18.47 11.24
N TRP A 284 5.73 17.66 10.30
CA TRP A 284 5.25 18.16 9.02
C TRP A 284 3.72 18.23 8.89
N GLY A 285 3.02 18.08 10.01
CA GLY A 285 1.56 18.14 9.97
C GLY A 285 0.88 16.80 9.75
N PHE A 286 1.67 15.72 9.78
CA PHE A 286 1.12 14.39 9.57
C PHE A 286 0.42 13.89 10.84
N MET A 287 -0.49 12.93 10.65
CA MET A 287 -1.22 12.35 11.77
C MET A 287 -0.24 11.63 12.70
N PRO A 288 -0.72 11.17 13.86
CA PRO A 288 0.16 10.46 14.79
C PRO A 288 0.78 9.22 14.12
N SER A 289 2.06 8.98 14.38
CA SER A 289 2.76 7.85 13.79
C SER A 289 2.09 6.50 14.01
N ASP A 290 1.44 6.33 15.15
CA ASP A 290 0.79 5.07 15.49
C ASP A 290 -0.58 4.87 14.85
N ARG A 291 -0.98 5.79 13.99
CA ARG A 291 -2.27 5.67 13.31
C ARG A 291 -2.05 5.73 11.80
N ALA A 292 -0.84 6.12 11.42
CA ALA A 292 -0.50 6.27 10.00
C ALA A 292 -0.07 5.00 9.26
N LEU A 293 -0.63 4.84 8.06
CA LEU A 293 -0.29 3.76 7.16
C LEU A 293 0.36 4.60 6.06
N VAL A 294 1.69 4.53 5.93
CA VAL A 294 2.39 5.32 4.93
C VAL A 294 2.85 4.56 3.70
N PHE A 295 3.12 5.31 2.64
CA PHE A 295 3.55 4.75 1.37
C PHE A 295 3.98 5.91 0.47
N VAL A 296 4.83 5.61 -0.51
CA VAL A 296 5.29 6.64 -1.44
C VAL A 296 4.20 6.85 -2.50
N ASP A 297 3.67 5.75 -3.03
CA ASP A 297 2.61 5.82 -4.03
C ASP A 297 1.67 4.65 -3.79
N ASN A 298 0.44 4.73 -4.32
CA ASN A 298 -0.51 3.63 -4.16
C ASN A 298 -1.07 3.35 -5.55
N HIS A 299 -1.92 2.34 -5.68
CA HIS A 299 -2.44 2.00 -7.00
C HIS A 299 -3.18 3.13 -7.71
N ASP A 300 -3.77 4.04 -6.94
CA ASP A 300 -4.48 5.16 -7.54
C ASP A 300 -3.57 6.27 -8.06
N ASN A 301 -2.81 6.89 -7.16
CA ASN A 301 -1.97 8.00 -7.57
C ASN A 301 -0.76 7.71 -8.43
N GLN A 302 -0.39 6.44 -8.58
CA GLN A 302 0.76 6.11 -9.43
C GLN A 302 0.33 6.26 -10.89
N ARG A 303 -1.00 6.31 -11.12
CA ARG A 303 -1.56 6.45 -12.45
C ARG A 303 -2.51 7.64 -12.57
N GLY A 304 -2.35 8.64 -11.69
CA GLY A 304 -3.19 9.82 -11.75
C GLY A 304 -4.59 9.75 -11.15
N HIS A 305 -4.94 8.63 -10.53
CA HIS A 305 -6.26 8.54 -9.92
C HIS A 305 -6.21 9.03 -8.47
N GLY A 306 -7.37 9.38 -7.92
CA GLY A 306 -7.45 9.84 -6.55
C GLY A 306 -6.85 11.19 -6.29
N ALA A 307 -5.82 11.22 -5.44
CA ALA A 307 -5.11 12.44 -5.09
C ALA A 307 -3.63 12.08 -5.02
N GLY A 308 -2.91 12.54 -6.03
CA GLY A 308 -1.48 12.29 -6.06
C GLY A 308 -0.84 13.58 -6.46
N GLY A 309 -1.15 14.01 -7.68
CA GLY A 309 -0.57 15.24 -8.16
C GLY A 309 0.69 14.87 -8.90
N ALA A 310 1.32 15.88 -9.49
CA ALA A 310 2.52 15.69 -10.27
C ALA A 310 3.76 15.25 -9.49
N SER A 311 3.77 15.45 -8.17
CA SER A 311 4.96 15.07 -7.42
C SER A 311 5.08 13.61 -7.00
N ILE A 312 4.00 12.83 -7.13
CA ILE A 312 4.07 11.43 -6.75
C ILE A 312 5.17 10.70 -7.52
N LEU A 313 5.98 9.93 -6.79
CA LEU A 313 7.07 9.16 -7.39
C LEU A 313 6.63 7.72 -7.60
N THR A 314 7.04 7.14 -8.71
CA THR A 314 6.67 5.76 -9.05
C THR A 314 7.83 5.01 -9.69
N PHE A 315 7.59 3.75 -10.00
CA PHE A 315 8.61 2.93 -10.63
C PHE A 315 9.02 3.58 -11.96
N TRP A 316 8.17 4.45 -12.50
CA TRP A 316 8.49 5.14 -13.75
C TRP A 316 9.71 6.05 -13.57
N ASP A 317 9.86 6.59 -12.36
CA ASP A 317 11.00 7.46 -12.02
C ASP A 317 11.87 6.65 -11.08
N ALA A 318 12.25 5.46 -11.53
CA ALA A 318 13.05 4.53 -10.74
C ALA A 318 14.12 5.10 -9.80
N ARG A 319 15.04 5.88 -10.34
CA ARG A 319 16.12 6.40 -9.49
C ARG A 319 15.64 7.18 -8.26
N LEU A 320 14.75 8.15 -8.46
CA LEU A 320 14.26 8.92 -7.33
C LEU A 320 13.29 8.10 -6.49
N TYR A 321 12.60 7.16 -7.12
CA TYR A 321 11.66 6.31 -6.41
C TYR A 321 12.36 5.46 -5.36
N LYS A 322 13.46 4.82 -5.75
CA LYS A 322 14.20 3.98 -4.83
C LYS A 322 14.67 4.78 -3.62
N MET A 323 15.09 6.01 -3.88
CA MET A 323 15.57 6.90 -2.83
C MET A 323 14.42 7.21 -1.86
N ALA A 324 13.26 7.56 -2.42
CA ALA A 324 12.08 7.89 -1.63
C ALA A 324 11.64 6.71 -0.78
N VAL A 325 11.50 5.54 -1.39
CA VAL A 325 11.09 4.35 -0.67
C VAL A 325 12.16 4.05 0.36
N GLY A 326 13.42 4.29 0.00
CA GLY A 326 14.51 4.05 0.92
C GLY A 326 14.37 4.90 2.17
N PHE A 327 14.09 6.18 1.98
CA PHE A 327 13.94 7.10 3.10
C PHE A 327 12.79 6.67 4.01
N MET A 328 11.66 6.32 3.41
CA MET A 328 10.48 5.89 4.14
C MET A 328 10.78 4.67 5.01
N LEU A 329 11.33 3.62 4.39
CA LEU A 329 11.66 2.38 5.09
C LEU A 329 12.68 2.56 6.20
N ALA A 330 13.51 3.58 6.08
CA ALA A 330 14.54 3.83 7.09
C ALA A 330 14.02 4.70 8.24
N HIS A 331 13.00 5.52 7.97
CA HIS A 331 12.43 6.41 8.98
C HIS A 331 11.38 5.72 9.85
N PRO A 332 11.45 5.94 11.16
CA PRO A 332 10.50 5.32 12.10
C PRO A 332 9.02 5.72 11.98
N TYR A 333 8.73 6.82 11.31
CA TYR A 333 7.33 7.23 11.21
C TYR A 333 6.41 6.26 10.47
N GLY A 334 5.26 5.99 11.09
CA GLY A 334 4.23 5.13 10.52
C GLY A 334 4.55 3.68 10.20
N PHE A 335 3.52 2.97 9.71
CA PHE A 335 3.64 1.58 9.29
C PHE A 335 3.71 1.64 7.76
N THR A 336 4.78 1.09 7.21
CA THR A 336 5.05 1.13 5.78
C THR A 336 4.45 0.08 4.84
N ARG A 337 3.93 0.55 3.72
CA ARG A 337 3.38 -0.32 2.68
C ARG A 337 4.19 -0.07 1.42
N VAL A 338 4.63 -1.15 0.79
CA VAL A 338 5.42 -1.04 -0.43
C VAL A 338 4.53 -1.42 -1.61
N MET A 339 4.60 -0.61 -2.66
CA MET A 339 3.81 -0.85 -3.86
C MET A 339 4.51 -1.81 -4.83
N SER A 340 3.73 -2.70 -5.43
CA SER A 340 4.25 -3.64 -6.41
C SER A 340 3.28 -3.53 -7.58
N SER A 341 3.77 -3.00 -8.70
CA SER A 341 2.90 -2.77 -9.83
C SER A 341 3.14 -3.60 -11.07
N TYR A 342 2.37 -3.28 -12.10
CA TYR A 342 2.54 -3.92 -13.39
C TYR A 342 2.71 -2.76 -14.33
N ARG A 343 3.35 -3.01 -15.47
CA ARG A 343 3.59 -1.96 -16.44
C ARG A 343 2.43 -1.84 -17.42
N TRP A 344 2.15 -0.61 -17.85
CA TRP A 344 1.09 -0.36 -18.83
C TRP A 344 1.59 0.74 -19.77
N PRO A 345 1.02 0.84 -20.98
CA PRO A 345 1.42 1.85 -21.97
C PRO A 345 1.05 3.27 -21.63
N ARG A 346 1.66 3.81 -20.58
CA ARG A 346 1.37 5.17 -20.18
C ARG A 346 1.51 6.11 -21.37
N GLN A 347 0.43 6.79 -21.73
CA GLN A 347 0.46 7.70 -22.87
C GLN A 347 -0.20 9.04 -22.53
N PHE A 348 0.63 10.03 -22.22
CA PHE A 348 0.14 11.34 -21.86
C PHE A 348 -0.36 12.21 -23.00
N GLN A 349 -1.59 12.68 -22.84
CA GLN A 349 -2.21 13.55 -23.82
C GLN A 349 -2.70 14.76 -23.08
N ASN A 350 -2.13 15.90 -23.43
CA ASN A 350 -2.42 17.13 -22.75
C ASN A 350 -1.99 16.78 -21.34
N GLY A 351 -2.80 17.01 -20.32
CA GLY A 351 -2.29 16.68 -19.00
C GLY A 351 -2.54 15.26 -18.53
N ASN A 352 -3.29 14.48 -19.29
CA ASN A 352 -3.65 13.16 -18.80
C ASN A 352 -3.27 11.89 -19.55
N ASP A 353 -3.02 10.85 -18.77
CA ASP A 353 -2.66 9.53 -19.29
C ASP A 353 -3.95 8.88 -19.73
N VAL A 354 -4.16 8.79 -21.03
CA VAL A 354 -5.38 8.20 -21.55
C VAL A 354 -5.40 6.68 -21.40
N ASN A 355 -4.31 6.10 -20.89
CA ASN A 355 -4.26 4.65 -20.67
C ASN A 355 -4.20 4.35 -19.18
N ASP A 356 -4.69 5.27 -18.37
CA ASP A 356 -4.68 5.08 -16.91
C ASP A 356 -5.68 3.99 -16.48
N TRP A 357 -6.54 3.59 -17.41
CA TRP A 357 -7.54 2.56 -17.14
C TRP A 357 -6.98 1.14 -17.32
N VAL A 358 -5.99 0.98 -18.20
CA VAL A 358 -5.44 -0.34 -18.49
C VAL A 358 -5.17 -1.27 -17.31
N GLY A 359 -5.83 -2.42 -17.36
CA GLY A 359 -5.69 -3.43 -16.32
C GLY A 359 -4.38 -4.21 -16.41
N PRO A 360 -4.24 -5.24 -15.56
CA PRO A 360 -3.04 -6.10 -15.49
C PRO A 360 -2.74 -6.87 -16.78
N PRO A 361 -1.49 -7.32 -16.95
CA PRO A 361 -1.07 -8.09 -18.12
C PRO A 361 -2.08 -9.22 -18.31
N ASN A 362 -2.51 -9.43 -19.55
CA ASN A 362 -3.50 -10.44 -19.79
C ASN A 362 -3.50 -10.91 -21.23
N ASN A 363 -4.08 -12.08 -21.45
CA ASN A 363 -4.26 -12.63 -22.78
C ASN A 363 -5.77 -12.70 -22.83
N ASN A 364 -6.39 -11.78 -23.57
CA ASN A 364 -7.84 -11.71 -23.69
C ASN A 364 -8.60 -11.78 -22.38
N GLY A 365 -8.17 -10.99 -21.40
CA GLY A 365 -8.87 -10.97 -20.12
C GLY A 365 -8.27 -11.86 -19.05
N VAL A 366 -7.53 -12.90 -19.44
CA VAL A 366 -6.92 -13.80 -18.47
C VAL A 366 -5.60 -13.21 -17.98
N ILE A 367 -5.53 -12.89 -16.69
CA ILE A 367 -4.32 -12.32 -16.11
C ILE A 367 -3.11 -13.24 -16.27
N LYS A 368 -2.00 -12.67 -16.73
CA LYS A 368 -0.79 -13.44 -16.93
C LYS A 368 -0.12 -13.75 -15.60
N GLU A 369 0.52 -14.91 -15.52
CA GLU A 369 1.21 -15.31 -14.30
C GLU A 369 2.46 -14.45 -14.14
N VAL A 370 2.96 -14.38 -12.92
CA VAL A 370 4.16 -13.62 -12.65
C VAL A 370 5.34 -14.56 -12.83
N THR A 371 6.09 -14.37 -13.91
CA THR A 371 7.27 -15.20 -14.15
C THR A 371 8.46 -14.57 -13.43
N ILE A 372 9.33 -15.43 -12.91
CA ILE A 372 10.52 -14.97 -12.21
C ILE A 372 11.73 -15.25 -13.10
N ASN A 373 12.47 -14.20 -13.41
CA ASN A 373 13.65 -14.32 -14.25
C ASN A 373 14.81 -14.85 -13.41
N PRO A 374 15.84 -15.39 -14.07
CA PRO A 374 16.99 -15.91 -13.32
C PRO A 374 17.63 -14.88 -12.38
N ASP A 375 17.60 -13.60 -12.75
CA ASP A 375 18.19 -12.58 -11.90
C ASP A 375 17.21 -12.14 -10.81
N THR A 376 16.16 -12.91 -10.62
CA THR A 376 15.12 -12.69 -9.63
C THR A 376 14.11 -11.57 -9.88
N THR A 377 14.17 -10.93 -11.05
CA THR A 377 13.20 -9.90 -11.38
C THR A 377 12.01 -10.63 -11.99
N CYS A 378 10.92 -9.92 -12.29
CA CYS A 378 9.73 -10.55 -12.86
C CYS A 378 9.55 -10.27 -14.34
N GLY A 379 8.86 -11.19 -15.02
CA GLY A 379 8.58 -11.05 -16.43
C GLY A 379 7.10 -10.71 -16.64
N ASN A 380 6.61 -10.91 -17.86
CA ASN A 380 5.22 -10.64 -18.18
C ASN A 380 4.73 -9.25 -17.77
N ASP A 381 5.66 -8.30 -17.69
CA ASP A 381 5.35 -6.91 -17.33
C ASP A 381 5.05 -6.61 -15.88
N TRP A 382 5.27 -7.58 -15.00
CA TRP A 382 5.05 -7.28 -13.59
C TRP A 382 6.34 -6.57 -13.20
N VAL A 383 6.22 -5.36 -12.68
CA VAL A 383 7.37 -4.56 -12.28
C VAL A 383 8.10 -5.15 -11.07
N CYS A 384 7.35 -5.65 -10.11
CA CYS A 384 7.92 -6.24 -8.90
C CYS A 384 8.93 -5.38 -8.17
N GLU A 385 8.53 -4.16 -7.84
CA GLU A 385 9.41 -3.24 -7.12
C GLU A 385 9.88 -3.88 -5.82
N HIS A 386 9.08 -4.76 -5.24
CA HIS A 386 9.47 -5.42 -3.99
C HIS A 386 10.66 -6.36 -4.15
N ARG A 387 10.99 -6.70 -5.39
CA ARG A 387 12.12 -7.58 -5.67
C ARG A 387 13.37 -6.79 -6.07
N TRP A 388 13.21 -5.47 -6.24
CA TRP A 388 14.36 -4.62 -6.57
C TRP A 388 15.27 -4.69 -5.35
N ARG A 389 16.55 -5.00 -5.55
CA ARG A 389 17.47 -5.12 -4.42
C ARG A 389 17.42 -3.93 -3.46
N GLN A 390 17.46 -2.73 -4.00
CA GLN A 390 17.46 -1.50 -3.19
C GLN A 390 16.25 -1.36 -2.29
N ILE A 391 15.11 -1.89 -2.73
CA ILE A 391 13.89 -1.83 -1.95
C ILE A 391 13.78 -3.03 -1.01
N ARG A 392 14.01 -4.23 -1.56
CA ARG A 392 13.96 -5.44 -0.76
C ARG A 392 14.90 -5.36 0.44
N ASN A 393 16.12 -4.88 0.22
CA ASN A 393 17.09 -4.75 1.32
C ASN A 393 16.71 -3.68 2.35
N MET A 394 15.94 -2.68 1.93
CA MET A 394 15.51 -1.64 2.86
C MET A 394 14.35 -2.17 3.70
N VAL A 395 13.60 -3.13 3.15
CA VAL A 395 12.50 -3.73 3.90
C VAL A 395 13.12 -4.49 5.06
N ILE A 396 14.22 -5.19 4.81
CA ILE A 396 14.90 -5.94 5.86
C ILE A 396 15.56 -4.94 6.83
N PHE A 397 16.06 -3.82 6.29
CA PHE A 397 16.69 -2.77 7.09
C PHE A 397 15.70 -2.31 8.16
N ARG A 398 14.46 -2.07 7.76
CA ARG A 398 13.41 -1.63 8.68
C ARG A 398 13.17 -2.69 9.77
N ASN A 399 13.23 -3.97 9.39
CA ASN A 399 13.03 -5.03 10.37
C ASN A 399 14.16 -4.97 11.40
N VAL A 400 15.39 -4.95 10.89
CA VAL A 400 16.59 -4.92 11.72
C VAL A 400 16.67 -3.77 12.74
N VAL A 401 16.24 -2.58 12.35
CA VAL A 401 16.31 -1.43 13.23
C VAL A 401 15.00 -1.18 13.99
N ASP A 402 14.04 -2.08 13.83
CA ASP A 402 12.74 -1.94 14.48
C ASP A 402 12.88 -1.53 15.96
N GLY A 403 12.22 -0.44 16.32
CA GLY A 403 12.26 0.02 17.70
C GLY A 403 13.36 1.00 18.04
N GLN A 404 14.39 1.07 17.20
CA GLN A 404 15.51 1.98 17.45
C GLN A 404 15.10 3.42 17.16
N PRO A 405 15.63 4.37 17.93
CA PRO A 405 15.31 5.78 17.76
C PRO A 405 16.00 6.49 16.60
N PHE A 406 15.31 7.47 16.04
CA PHE A 406 15.83 8.29 14.96
C PHE A 406 16.96 9.07 15.64
N THR A 407 18.16 9.00 15.07
CA THR A 407 19.29 9.69 15.69
C THR A 407 20.44 9.98 14.73
N ASN A 408 21.47 10.64 15.25
CA ASN A 408 22.66 11.00 14.48
C ASN A 408 22.37 11.66 13.13
N TRP A 409 21.45 12.63 13.12
CA TRP A 409 21.09 13.32 11.88
C TRP A 409 22.17 14.29 11.41
N TYR A 410 22.38 14.31 10.10
CA TYR A 410 23.35 15.22 9.48
C TYR A 410 22.76 15.79 8.22
N ASP A 411 23.14 17.02 7.90
CA ASP A 411 22.72 17.66 6.67
C ASP A 411 23.66 18.81 6.36
N ASN A 412 23.81 19.08 5.07
CA ASN A 412 24.68 20.12 4.55
C ASN A 412 23.88 21.37 4.20
N GLY A 413 22.64 21.44 4.69
CA GLY A 413 21.78 22.59 4.41
C GLY A 413 21.15 22.56 3.03
N SER A 414 21.33 21.46 2.29
CA SER A 414 20.79 21.34 0.94
C SER A 414 20.10 19.97 0.74
N ASN A 415 20.73 19.06 -0.01
CA ASN A 415 20.11 17.75 -0.23
C ASN A 415 21.02 16.57 0.09
N GLN A 416 21.97 16.79 0.98
CA GLN A 416 22.88 15.72 1.40
C GLN A 416 22.59 15.51 2.88
N VAL A 417 21.87 14.43 3.19
CA VAL A 417 21.51 14.13 4.56
C VAL A 417 21.86 12.70 4.95
N ALA A 418 21.78 12.41 6.24
CA ALA A 418 22.06 11.09 6.77
C ALA A 418 21.50 11.01 8.19
N PHE A 419 21.15 9.80 8.62
CA PHE A 419 20.63 9.60 9.97
C PHE A 419 20.74 8.14 10.32
N GLY A 420 20.67 7.85 11.61
CA GLY A 420 20.77 6.47 12.05
C GLY A 420 19.56 6.06 12.86
N ARG A 421 19.49 4.77 13.17
CA ARG A 421 18.40 4.23 13.96
C ARG A 421 19.11 3.52 15.11
N GLY A 422 19.24 4.23 16.23
CA GLY A 422 19.91 3.69 17.39
C GLY A 422 21.32 3.28 17.00
N ASN A 423 21.71 2.06 17.38
CA ASN A 423 23.03 1.55 17.06
C ASN A 423 22.89 0.35 16.12
N ARG A 424 21.79 0.32 15.37
CA ARG A 424 21.50 -0.80 14.46
C ARG A 424 21.54 -0.49 12.97
N GLY A 425 21.40 0.78 12.60
CA GLY A 425 21.42 1.13 11.19
C GLY A 425 21.75 2.58 10.91
N PHE A 426 22.27 2.82 9.72
CA PHE A 426 22.64 4.17 9.31
C PHE A 426 22.44 4.28 7.81
N ILE A 427 21.88 5.40 7.36
CA ILE A 427 21.63 5.60 5.95
C ILE A 427 22.13 6.97 5.51
N VAL A 428 22.65 7.04 4.28
CA VAL A 428 23.21 8.28 3.75
C VAL A 428 22.67 8.61 2.35
N PHE A 429 22.20 9.84 2.16
CA PHE A 429 21.66 10.25 0.85
C PHE A 429 22.33 11.47 0.23
N ASN A 430 22.57 11.42 -1.08
CA ASN A 430 23.12 12.57 -1.78
C ASN A 430 22.20 12.93 -2.93
N ASN A 431 21.47 14.03 -2.77
CA ASN A 431 20.56 14.46 -3.81
C ASN A 431 20.89 15.86 -4.31
N ASP A 432 22.14 16.27 -4.10
CA ASP A 432 22.59 17.56 -4.55
C ASP A 432 23.30 17.30 -5.87
N ASP A 433 23.50 18.34 -6.67
CA ASP A 433 24.15 18.16 -7.96
C ASP A 433 25.67 18.18 -7.91
N TRP A 434 26.23 17.74 -6.79
CA TRP A 434 27.67 17.63 -6.66
C TRP A 434 27.93 16.47 -5.74
N SER A 435 29.20 16.11 -5.63
CA SER A 435 29.62 14.96 -4.85
C SER A 435 29.49 15.04 -3.31
N PHE A 436 29.11 13.93 -2.72
CA PHE A 436 28.94 13.84 -1.27
C PHE A 436 30.05 12.95 -0.71
N SER A 437 31.06 13.57 -0.12
CA SER A 437 32.19 12.85 0.45
C SER A 437 32.55 13.45 1.80
N LEU A 438 32.25 12.70 2.86
CA LEU A 438 32.47 13.17 4.23
C LEU A 438 32.54 11.99 5.19
N THR A 439 33.20 12.21 6.33
CA THR A 439 33.30 11.18 7.36
C THR A 439 32.19 11.50 8.35
N LEU A 440 31.34 10.52 8.66
CA LEU A 440 30.22 10.77 9.57
C LEU A 440 30.13 9.82 10.78
N GLN A 441 29.45 10.28 11.81
CA GLN A 441 29.22 9.48 13.00
C GLN A 441 28.04 8.57 12.65
N THR A 442 28.26 7.26 12.69
CA THR A 442 27.20 6.31 12.34
C THR A 442 26.45 5.75 13.54
N GLY A 443 27.00 5.91 14.74
CA GLY A 443 26.35 5.38 15.94
C GLY A 443 26.37 3.86 15.94
N LEU A 444 27.15 3.29 15.03
CA LEU A 444 27.26 1.84 14.88
C LEU A 444 28.56 1.28 15.44
N PRO A 445 28.55 0.02 15.88
CA PRO A 445 29.74 -0.63 16.42
C PRO A 445 30.78 -0.70 15.30
N ALA A 446 32.06 -0.71 15.66
CA ALA A 446 33.12 -0.77 14.66
C ALA A 446 33.04 -2.05 13.83
N GLY A 447 33.47 -1.96 12.59
CA GLY A 447 33.44 -3.12 11.71
C GLY A 447 33.30 -2.79 10.24
N THR A 448 33.25 -3.84 9.43
CA THR A 448 33.08 -3.69 8.00
C THR A 448 31.63 -4.04 7.68
N TYR A 449 30.94 -3.11 7.02
CA TYR A 449 29.54 -3.32 6.66
C TYR A 449 29.32 -3.34 5.16
N CYS A 450 28.39 -4.17 4.73
CA CYS A 450 28.04 -4.24 3.31
C CYS A 450 26.98 -3.17 3.07
N ASP A 451 27.14 -2.39 2.02
CA ASP A 451 26.13 -1.40 1.68
C ASP A 451 25.03 -2.26 1.05
N VAL A 452 23.84 -2.26 1.64
CA VAL A 452 22.76 -3.08 1.13
C VAL A 452 22.00 -2.47 -0.05
N ILE A 453 22.39 -1.26 -0.47
CA ILE A 453 21.74 -0.64 -1.60
C ILE A 453 22.44 -1.08 -2.89
N SER A 454 23.77 -1.00 -2.89
CA SER A 454 24.56 -1.38 -4.05
C SER A 454 24.82 -2.89 -4.11
N GLY A 455 24.59 -3.59 -3.00
CA GLY A 455 24.83 -5.02 -2.98
C GLY A 455 24.23 -5.78 -1.80
N ASP A 456 24.75 -6.98 -1.58
CA ASP A 456 24.27 -7.85 -0.50
C ASP A 456 25.43 -8.47 0.25
N LYS A 457 25.13 -9.02 1.41
CA LYS A 457 26.13 -9.72 2.19
C LYS A 457 25.86 -11.19 1.93
N ILE A 458 26.88 -11.93 1.50
CA ILE A 458 26.69 -13.35 1.23
C ILE A 458 27.89 -14.17 1.69
N ASN A 459 27.62 -15.11 2.60
CA ASN A 459 28.65 -15.99 3.12
C ASN A 459 30.01 -15.32 3.33
N GLY A 460 30.05 -14.30 4.19
CA GLY A 460 31.29 -13.63 4.49
C GLY A 460 31.76 -12.43 3.70
N ASN A 461 31.13 -12.12 2.58
CA ASN A 461 31.57 -10.96 1.81
C ASN A 461 30.44 -10.07 1.32
N CYS A 462 30.83 -8.89 0.84
CA CYS A 462 29.90 -7.92 0.33
C CYS A 462 29.96 -7.98 -1.19
N THR A 463 28.80 -7.92 -1.84
CA THR A 463 28.81 -7.96 -3.31
C THR A 463 28.83 -6.56 -3.90
N GLY A 464 28.69 -5.56 -3.04
CA GLY A 464 28.72 -4.19 -3.51
C GLY A 464 29.69 -3.40 -2.67
N ILE A 465 29.35 -2.13 -2.46
CA ILE A 465 30.17 -1.23 -1.68
C ILE A 465 30.36 -1.69 -0.24
N LYS A 466 31.50 -1.30 0.32
CA LYS A 466 31.89 -1.63 1.67
C LYS A 466 32.13 -0.36 2.47
N ILE A 467 31.69 -0.35 3.72
CA ILE A 467 31.87 0.81 4.58
C ILE A 467 32.60 0.38 5.86
N TYR A 468 33.64 1.13 6.23
CA TYR A 468 34.43 0.80 7.42
C TYR A 468 34.18 1.74 8.60
N VAL A 469 33.57 1.19 9.65
CA VAL A 469 33.27 1.98 10.84
C VAL A 469 34.40 1.80 11.88
N SER A 470 35.01 2.91 12.29
CA SER A 470 36.08 2.89 13.27
C SER A 470 35.55 2.68 14.68
N ASP A 471 36.47 2.47 15.62
CA ASP A 471 36.12 2.27 17.01
C ASP A 471 35.30 3.42 17.58
N ASP A 472 35.33 4.60 16.95
CA ASP A 472 34.55 5.73 17.45
C ASP A 472 33.23 5.92 16.69
N GLY A 473 32.83 4.91 15.93
CA GLY A 473 31.57 4.97 15.20
C GLY A 473 31.58 5.76 13.89
N LYS A 474 32.74 6.28 13.50
CA LYS A 474 32.81 7.05 12.27
C LYS A 474 33.19 6.24 11.04
N ALA A 475 32.62 6.63 9.91
CA ALA A 475 32.88 5.96 8.67
C ALA A 475 32.88 6.98 7.55
N HIS A 476 33.69 6.73 6.54
CA HIS A 476 33.75 7.65 5.43
C HIS A 476 32.76 7.21 4.36
N PHE A 477 32.04 8.18 3.81
CA PHE A 477 31.07 7.94 2.77
C PHE A 477 31.39 8.81 1.57
N SER A 478 31.22 8.24 0.39
CA SER A 478 31.49 8.96 -0.84
C SER A 478 30.46 8.57 -1.88
N ILE A 479 29.52 9.48 -2.15
CA ILE A 479 28.47 9.22 -3.12
C ILE A 479 28.47 10.28 -4.22
N SER A 480 28.86 9.89 -5.43
CA SER A 480 28.86 10.83 -6.54
C SER A 480 27.43 11.18 -6.89
N ASN A 481 27.20 12.43 -7.29
CA ASN A 481 25.85 12.83 -7.67
C ASN A 481 25.45 12.10 -8.95
N SER A 482 26.40 11.35 -9.51
CA SER A 482 26.14 10.57 -10.71
C SER A 482 25.92 9.10 -10.39
N ALA A 483 26.06 8.71 -9.13
CA ALA A 483 25.90 7.33 -8.74
C ALA A 483 24.57 6.76 -9.24
N GLU A 484 24.59 5.48 -9.56
CA GLU A 484 23.38 4.81 -10.02
C GLU A 484 22.28 5.02 -8.97
N ASP A 485 22.63 4.73 -7.72
CA ASP A 485 21.73 4.90 -6.59
C ASP A 485 22.52 5.79 -5.64
N PRO A 486 22.18 7.09 -5.61
CA PRO A 486 22.87 8.05 -4.74
C PRO A 486 22.60 7.96 -3.25
N PHE A 487 22.54 6.75 -2.72
CA PHE A 487 22.34 6.56 -1.29
C PHE A 487 22.88 5.22 -0.85
N ILE A 488 23.32 5.17 0.39
CA ILE A 488 23.91 3.99 1.00
C ILE A 488 23.26 3.66 2.33
N ALA A 489 23.14 2.37 2.61
CA ALA A 489 22.52 1.94 3.86
C ALA A 489 23.23 0.73 4.45
N ILE A 490 23.53 0.80 5.73
CA ILE A 490 24.19 -0.30 6.43
C ILE A 490 23.46 -0.57 7.73
N HIS A 491 23.51 -1.81 8.19
CA HIS A 491 22.86 -2.16 9.43
C HIS A 491 23.52 -3.36 10.10
N ALA A 492 23.14 -3.58 11.36
CA ALA A 492 23.68 -4.66 12.18
C ALA A 492 23.86 -5.99 11.45
N GLU A 493 22.89 -6.36 10.63
CA GLU A 493 22.94 -7.63 9.91
C GLU A 493 23.63 -7.64 8.55
N SER A 494 24.22 -6.51 8.14
CA SER A 494 24.92 -6.46 6.86
C SER A 494 26.41 -6.33 7.19
N LYS A 495 26.70 -6.49 8.47
CA LYS A 495 28.06 -6.40 8.98
C LYS A 495 28.83 -7.70 8.81
N LEU A 496 30.09 -7.60 8.40
CA LEU A 496 30.95 -8.77 8.22
C LEU A 496 31.49 -9.24 9.57
#